data_8JAM
#
_entry.id   8JAM
#
_cell.length_a   1.00
_cell.length_b   1.00
_cell.length_c   1.00
_cell.angle_alpha   90.00
_cell.angle_beta   90.00
_cell.angle_gamma   90.00
#
_symmetry.space_group_name_H-M   'P 1'
#
loop_
_entity.id
_entity.type
_entity.pdbx_description
1 polymer 'Spike glycoprotein'
2 polymer 'H chain of W328-6H2'
3 polymer 'L chain of W328-6H2'
4 branched 2-acetamido-2-deoxy-beta-D-glucopyranose-(1-4)-[alpha-L-fucopyranose-(1-6)]2-acetamido-2-deoxy-beta-D-glucopyranose
5 non-polymer 2-acetamido-2-deoxy-beta-D-glucopyranose
#
loop_
_entity_poly.entity_id
_entity_poly.type
_entity_poly.pdbx_seq_one_letter_code
_entity_poly.pdbx_strand_id
1 'polypeptide(L)'
;MFVFLVLLPLVSSQCVNLTTRTQLPPAYTNSFTRGVYYPDKVFRSSVLHSTQDLFLPFFSNVTWFHVISGTNGTKRFDNP
VLPFNDGVYFASIEKSNIIRGWIFGTTLDSKTQSLLIVNNATNVVIKVCEFQFCNDPFLDHKNNKSWMESEFRVYSSANN
CTFEYVSQPFLMDLEGKQGNFKNLREFVFKNIDGYFKIYSKHTPIIVREPEDLPQGFSALEPLVDLPIGINITRFQTLLA
LHRSYLTPGDSSSGWTAGAAAYYVGYLQPRTFLLKYNENGTITDAVDCALDPLSETKCTLKSFTVEKGIYQTSNFRVQPT
ESIVRFPNITNLCPFDEVFNATRFASVYAWNRKRISNCVADYSVLYNLAPFFTFKCYGVSPTKLNDLCFTNVYADSFVIR
GDEVRQIAPGQTGNIADYNYKLPDDFTGCVIAWNSNKLDSKVSGNYNYLYRLFRKSNLKPFERDISTEIYQAGNKPCNGV
AGFNCYFPLRSYSFRPTYGVGHQPYRVVVLSFELLHAPATVCGPKKSTNLVKNKCVNFNFNGLKGTGVLTESNKKFLPFQ
QFGRDIADTTDAVRDPQTLEILDITPCSFGGVSVITPGTNTSNQVAVLYQGVNCTEVPVAIHADQLTPTWRVYSTGSNVF
QTRAGCLIGAEYVNNSYECDIPIGAGICASYQTQTKSHSGAGSVASQSIIAYTMSLGAENSVACSNNSIAIPTNFTISVT
TEILPVSMTKTSVDCTMYICGDSTECSNLLLQYGSFCTQLKRALTGIAVEQDKNTQEVFAQVKQIYKTPPIKYFGGFNFS
QILPDPSKPSKRSPIEDLLFNKVTLADAGFIKQYGDCLGDIAARDLICAQKFKGLTVLPPLLTDEMIAQYTSALLAGTIC
SGWTFGAGPALQIPFPMQMAYRFNGIGVTQNVLYENQKLIANQFNSAIGKIQDSLSSTPSALGKLQDVVNHNAQALNTLV
KQLSSKFGAISSVLNDIFSRLDKPEAEVQIDRLITGRLQSLQTYVTQQLIRAAEIRASANLAATKMSECVLGQSKRVDFC
GKGYHLMSFPQSAPHGVVFLHVTYVPAQEKNFTTAPAICHDGKAHFPREGVFVSNGTHWFVTQRNFYEPQIITTDNTFVS
GNCDVVIGIVNNTVYDPLQPELDSFKEELDKYFKNHTSPDVDLGDISGINASVVNIQKEIDRLNEVAKNLNESLIDLQEL
GKYEQGSGYIPEAPRDGQAYVRKDGEWVLLSTFLGRSLEVLFQGPGSGGLNDIFEAQKIEWHEGSGHHHHHHHH
;
B
2 'polypeptide(L)'
;QVQLVQSGSELKKPGASVTVSCKASGYSFPTHAMNWVRQAPGQGLEWMGWIPTYAGFTGRFVFSLDTSVSTAYLQISSLK
ADDTAVYYCARGHVLEWFQGTLVTVSS
;
H
3 'polypeptide(L)'
;DVVMTQSPLSLSVTPGQPASISCKSSQTLLHSDGQTSFYWYLQKPGQSPQLLIYDISSRFSGVPDRFSGSGSGTDFTLKI
SRVEAEDVGVYYCMQGTQFPWTFGQGTKVEIK
;
L
#
# COMPACT_ATOMS: atom_id res chain seq x y z
N PHE A 326 -17.89 3.02 -24.00
CA PHE A 326 -18.67 2.69 -25.17
C PHE A 326 -17.99 3.20 -26.48
N PRO A 327 -17.86 4.54 -26.78
CA PRO A 327 -17.36 5.10 -28.04
C PRO A 327 -15.84 5.03 -28.20
N ASN A 328 -15.34 3.85 -28.43
CA ASN A 328 -13.91 3.57 -28.61
C ASN A 328 -13.03 3.92 -27.42
N ILE A 329 -13.51 3.67 -26.22
CA ILE A 329 -12.68 3.88 -25.06
C ILE A 329 -11.88 2.62 -24.85
N THR A 330 -10.56 2.74 -24.75
CA THR A 330 -9.70 1.57 -24.60
C THR A 330 -9.04 1.48 -23.23
N ASN A 331 -9.21 2.51 -22.42
CA ASN A 331 -8.61 2.60 -21.09
C ASN A 331 -9.34 1.68 -20.16
N LEU A 332 -8.67 1.12 -19.17
CA LEU A 332 -9.40 0.27 -18.24
C LEU A 332 -9.55 0.97 -16.90
N CYS A 333 -10.67 0.73 -16.23
CA CYS A 333 -10.89 1.35 -14.94
C CYS A 333 -9.88 0.89 -13.91
N PRO A 334 -9.18 1.80 -13.21
CA PRO A 334 -8.16 1.53 -12.23
C PRO A 334 -8.76 1.14 -10.90
N PHE A 335 -9.50 0.06 -10.87
CA PHE A 335 -10.11 -0.33 -9.61
C PHE A 335 -9.04 -0.81 -8.66
N ASP A 336 -7.94 -1.28 -9.20
CA ASP A 336 -6.88 -1.74 -8.36
C ASP A 336 -6.24 -0.61 -7.57
N GLU A 337 -6.41 0.62 -8.00
CA GLU A 337 -5.77 1.72 -7.31
C GLU A 337 -6.64 2.20 -6.15
N VAL A 338 -7.81 1.58 -6.01
CA VAL A 338 -8.73 1.92 -4.95
C VAL A 338 -8.77 0.77 -3.97
N PHE A 339 -8.99 -0.43 -4.50
CA PHE A 339 -9.17 -1.63 -3.72
C PHE A 339 -7.91 -2.30 -3.15
N ASN A 340 -6.74 -2.20 -3.83
CA ASN A 340 -5.48 -2.82 -3.41
C ASN A 340 -4.54 -1.81 -2.71
N ALA A 341 -5.04 -0.62 -2.28
CA ALA A 341 -4.25 0.44 -1.66
C ALA A 341 -3.53 0.01 -0.39
N THR A 342 -2.30 0.49 -0.25
CA THR A 342 -1.50 0.17 0.92
C THR A 342 -1.94 0.94 2.15
N ARG A 343 -2.58 2.08 1.97
CA ARG A 343 -3.06 2.85 3.10
C ARG A 343 -4.47 3.33 2.86
N PHE A 344 -5.28 3.23 3.90
CA PHE A 344 -6.66 3.70 3.88
C PHE A 344 -6.85 4.88 4.79
N ALA A 345 -7.81 5.68 4.43
CA ALA A 345 -8.19 6.88 5.14
C ALA A 345 -8.95 6.65 6.44
N SER A 346 -8.92 7.70 7.24
CA SER A 346 -9.66 7.85 8.49
C SER A 346 -11.11 7.83 8.10
N VAL A 347 -12.02 7.67 9.04
CA VAL A 347 -13.38 7.55 8.56
C VAL A 347 -13.76 8.90 8.01
N TYR A 348 -13.42 9.94 8.75
CA TYR A 348 -13.68 11.28 8.29
C TYR A 348 -12.54 11.53 7.36
N ALA A 349 -12.65 12.46 6.44
CA ALA A 349 -11.54 12.72 5.50
C ALA A 349 -11.20 11.47 4.72
N TRP A 350 -12.23 10.83 4.20
CA TRP A 350 -12.06 9.62 3.44
C TRP A 350 -11.51 9.95 2.07
N ASN A 351 -10.90 8.97 1.43
CA ASN A 351 -10.36 9.22 0.10
C ASN A 351 -11.46 9.16 -0.92
N ARG A 352 -11.50 10.15 -1.81
CA ARG A 352 -12.53 10.17 -2.83
C ARG A 352 -11.95 10.28 -4.22
N LYS A 353 -11.98 9.19 -4.96
CA LYS A 353 -11.39 9.17 -6.29
C LYS A 353 -12.45 9.15 -7.38
N ARG A 354 -12.17 9.82 -8.49
CA ARG A 354 -13.10 9.82 -9.60
C ARG A 354 -12.62 8.98 -10.78
N ILE A 355 -13.50 8.12 -11.27
CA ILE A 355 -13.21 7.31 -12.44
C ILE A 355 -14.07 7.76 -13.61
N SER A 356 -13.39 8.04 -14.71
CA SER A 356 -14.04 8.45 -15.94
C SER A 356 -13.22 8.01 -17.13
N ASN A 357 -13.85 7.98 -18.31
CA ASN A 357 -13.17 7.66 -19.56
C ASN A 357 -12.44 6.35 -19.49
N CYS A 358 -13.05 5.38 -18.85
CA CYS A 358 -12.50 4.07 -18.70
C CYS A 358 -13.53 3.01 -18.91
N VAL A 359 -13.10 1.88 -19.42
CA VAL A 359 -13.94 0.73 -19.63
C VAL A 359 -14.11 0.01 -18.33
N ALA A 360 -15.33 -0.25 -17.99
CA ALA A 360 -15.61 -0.92 -16.75
C ALA A 360 -15.37 -2.37 -16.87
N ASP A 361 -14.98 -2.95 -15.77
CA ASP A 361 -14.87 -4.36 -15.69
C ASP A 361 -15.21 -4.72 -14.28
N TYR A 362 -16.43 -5.20 -14.09
CA TYR A 362 -16.89 -5.51 -12.76
C TYR A 362 -16.78 -6.99 -12.52
N SER A 363 -16.09 -7.68 -13.41
CA SER A 363 -15.81 -9.09 -13.25
C SER A 363 -14.82 -9.20 -12.11
N VAL A 364 -13.89 -8.26 -12.08
CA VAL A 364 -12.85 -8.25 -11.08
C VAL A 364 -13.43 -7.99 -9.71
N LEU A 365 -14.29 -6.99 -9.60
CA LEU A 365 -14.91 -6.72 -8.32
C LEU A 365 -16.17 -7.51 -8.16
N TYR A 366 -16.07 -8.82 -8.25
CA TYR A 366 -17.22 -9.69 -8.07
C TYR A 366 -16.82 -11.17 -8.03
N ASN A 367 -17.06 -11.87 -6.91
CA ASN A 367 -16.78 -13.30 -6.69
C ASN A 367 -15.27 -13.68 -6.86
N LEU A 368 -14.35 -12.69 -6.83
CA LEU A 368 -12.89 -12.83 -6.86
C LEU A 368 -12.36 -12.55 -5.49
N ALA A 369 -12.69 -11.38 -4.98
CA ALA A 369 -12.27 -11.00 -3.67
C ALA A 369 -13.24 -10.00 -3.00
N PRO A 370 -14.57 -10.28 -2.94
CA PRO A 370 -15.57 -9.49 -2.22
C PRO A 370 -15.52 -9.82 -0.74
N PHE A 371 -14.89 -10.93 -0.42
CA PHE A 371 -14.80 -11.44 0.93
C PHE A 371 -16.13 -11.41 1.66
N PHE A 372 -16.22 -10.61 2.72
CA PHE A 372 -17.39 -10.52 3.57
C PHE A 372 -18.66 -10.00 2.92
N THR A 373 -18.62 -8.84 2.27
CA THR A 373 -19.88 -8.39 1.70
C THR A 373 -19.80 -7.57 0.43
N PHE A 374 -20.87 -7.68 -0.32
CA PHE A 374 -21.07 -6.94 -1.55
C PHE A 374 -22.55 -6.62 -1.63
N LYS A 375 -22.93 -5.43 -1.21
CA LYS A 375 -24.34 -5.07 -1.19
C LYS A 375 -24.60 -3.86 -2.08
N CYS A 376 -25.48 -4.01 -3.10
CA CYS A 376 -25.79 -2.95 -4.06
C CYS A 376 -27.23 -2.48 -3.94
N TYR A 377 -27.42 -1.20 -4.26
CA TYR A 377 -28.72 -0.61 -4.25
C TYR A 377 -29.03 -0.03 -5.62
N GLY A 378 -30.14 -0.41 -6.22
CA GLY A 378 -30.52 0.17 -7.51
C GLY A 378 -30.01 -0.59 -8.73
N VAL A 379 -29.11 -1.53 -8.53
CA VAL A 379 -28.57 -2.30 -9.63
C VAL A 379 -28.58 -3.75 -9.29
N SER A 380 -28.52 -4.60 -10.30
CA SER A 380 -28.37 -6.02 -10.08
C SER A 380 -26.93 -6.30 -10.45
N PRO A 381 -26.03 -6.64 -9.51
CA PRO A 381 -24.60 -6.83 -9.72
C PRO A 381 -24.29 -7.68 -10.92
N THR A 382 -25.12 -8.68 -11.16
CA THR A 382 -24.94 -9.59 -12.25
C THR A 382 -24.77 -8.86 -13.58
N LYS A 383 -25.55 -7.79 -13.81
CA LYS A 383 -25.49 -7.11 -15.09
C LYS A 383 -24.86 -5.74 -14.98
N LEU A 384 -24.16 -5.51 -13.88
CA LEU A 384 -23.52 -4.24 -13.60
C LEU A 384 -22.56 -3.76 -14.71
N ASN A 385 -21.87 -4.71 -15.37
CA ASN A 385 -20.92 -4.50 -16.46
C ASN A 385 -21.56 -3.85 -17.70
N ASP A 386 -22.90 -3.97 -17.88
CA ASP A 386 -23.63 -3.46 -19.02
C ASP A 386 -24.54 -2.28 -18.70
N LEU A 387 -24.34 -1.56 -17.57
CA LEU A 387 -25.27 -0.44 -17.33
C LEU A 387 -24.90 0.96 -17.89
N CYS A 388 -23.60 1.34 -17.89
CA CYS A 388 -23.04 2.61 -18.37
C CYS A 388 -23.40 3.81 -17.49
N PHE A 389 -22.39 4.32 -16.80
CA PHE A 389 -22.53 5.45 -15.88
C PHE A 389 -21.90 6.72 -16.42
N THR A 390 -22.41 7.87 -16.00
CA THR A 390 -21.84 9.14 -16.41
C THR A 390 -20.46 9.25 -15.76
N ASN A 391 -20.42 8.94 -14.46
CA ASN A 391 -19.20 8.94 -13.63
C ASN A 391 -19.27 7.88 -12.55
N VAL A 392 -18.13 7.40 -12.10
CA VAL A 392 -18.14 6.53 -10.93
C VAL A 392 -17.23 7.10 -9.84
N TYR A 393 -17.73 7.21 -8.62
CA TYR A 393 -16.90 7.77 -7.57
C TYR A 393 -16.59 6.74 -6.51
N ALA A 394 -15.34 6.67 -6.09
CA ALA A 394 -14.99 5.70 -5.08
C ALA A 394 -14.59 6.34 -3.77
N ASP A 395 -15.40 6.11 -2.74
CA ASP A 395 -15.17 6.60 -1.40
C ASP A 395 -14.50 5.50 -0.57
N SER A 396 -13.27 5.71 -0.12
CA SER A 396 -12.53 4.65 0.59
C SER A 396 -12.06 4.98 2.01
N PHE A 397 -12.44 4.11 2.96
CA PHE A 397 -12.12 4.31 4.39
C PHE A 397 -12.11 3.06 5.31
N VAL A 398 -11.55 3.19 6.52
CA VAL A 398 -11.60 2.12 7.55
C VAL A 398 -12.47 2.38 8.76
N ILE A 399 -13.35 1.44 9.04
CA ILE A 399 -14.26 1.46 10.19
C ILE A 399 -14.20 0.17 10.99
N ARG A 400 -14.72 0.20 12.20
CA ARG A 400 -14.79 -0.99 13.02
C ARG A 400 -15.89 -1.91 12.43
N GLY A 401 -15.68 -3.23 12.43
CA GLY A 401 -16.64 -4.16 11.80
C GLY A 401 -18.11 -4.09 12.23
N ASP A 402 -18.41 -3.83 13.48
CA ASP A 402 -19.82 -3.74 13.85
C ASP A 402 -20.53 -2.57 13.17
N GLU A 403 -19.76 -1.58 12.73
CA GLU A 403 -20.28 -0.37 12.13
C GLU A 403 -20.49 -0.52 10.64
N VAL A 404 -20.16 -1.66 10.07
CA VAL A 404 -20.31 -1.81 8.63
C VAL A 404 -21.75 -1.61 8.22
N ARG A 405 -22.72 -2.05 9.03
CA ARG A 405 -24.12 -1.91 8.65
C ARG A 405 -24.55 -0.46 8.55
N GLN A 406 -23.76 0.48 9.06
CA GLN A 406 -24.14 1.87 8.98
C GLN A 406 -23.85 2.49 7.62
N ILE A 407 -23.04 1.84 6.79
CA ILE A 407 -22.79 2.47 5.51
C ILE A 407 -23.87 1.97 4.58
N ALA A 408 -25.04 2.54 4.72
CA ALA A 408 -26.21 2.12 3.97
C ALA A 408 -27.26 3.21 4.03
N PRO A 409 -28.14 3.32 3.03
CA PRO A 409 -29.24 4.23 3.00
C PRO A 409 -30.13 4.05 4.20
N GLY A 410 -30.54 5.15 4.79
CA GLY A 410 -31.47 5.12 5.91
C GLY A 410 -30.88 4.77 7.26
N GLN A 411 -29.57 4.62 7.38
CA GLN A 411 -29.02 4.25 8.68
C GLN A 411 -28.60 5.43 9.53
N THR A 412 -28.53 5.20 10.85
CA THR A 412 -28.11 6.15 11.87
C THR A 412 -27.01 5.57 12.76
N GLY A 413 -26.35 6.41 13.57
CA GLY A 413 -25.29 5.93 14.44
C GLY A 413 -24.05 6.82 14.32
N ASN A 414 -22.96 6.49 15.01
CA ASN A 414 -21.85 7.42 14.96
C ASN A 414 -21.24 7.58 13.60
N ILE A 415 -21.28 6.57 12.76
CA ILE A 415 -20.65 6.76 11.50
C ILE A 415 -21.67 7.40 10.60
N ALA A 416 -22.86 6.83 10.57
CA ALA A 416 -23.90 7.36 9.71
C ALA A 416 -24.27 8.81 10.01
N ASP A 417 -24.22 9.22 11.27
CA ASP A 417 -24.55 10.58 11.62
C ASP A 417 -23.38 11.55 11.65
N TYR A 418 -22.15 11.11 11.99
CA TYR A 418 -21.09 12.11 12.07
C TYR A 418 -19.95 11.96 11.10
N ASN A 419 -19.78 10.82 10.44
CA ASN A 419 -18.60 10.66 9.62
C ASN A 419 -18.84 10.44 8.15
N TYR A 420 -19.77 9.60 7.81
CA TYR A 420 -20.01 9.29 6.41
C TYR A 420 -21.42 8.88 6.20
N LYS A 421 -22.10 9.63 5.38
CA LYS A 421 -23.49 9.37 5.13
C LYS A 421 -23.79 9.24 3.66
N LEU A 422 -24.66 8.31 3.35
CA LEU A 422 -25.13 8.11 2.01
C LEU A 422 -26.44 8.81 1.86
N PRO A 423 -26.79 9.25 0.67
CA PRO A 423 -28.07 9.79 0.36
C PRO A 423 -29.00 8.62 0.42
N ASP A 424 -30.26 8.81 0.72
CA ASP A 424 -31.12 7.65 0.85
C ASP A 424 -31.64 7.13 -0.48
N ASP A 425 -31.33 7.84 -1.57
CA ASP A 425 -31.65 7.43 -2.90
C ASP A 425 -30.40 6.96 -3.65
N PHE A 426 -29.38 6.56 -2.90
CA PHE A 426 -28.12 6.04 -3.42
C PHE A 426 -28.33 4.89 -4.39
N THR A 427 -27.63 4.94 -5.50
CA THR A 427 -27.70 3.96 -6.57
C THR A 427 -26.44 3.15 -6.78
N GLY A 428 -25.53 3.22 -5.83
CA GLY A 428 -24.24 2.54 -5.95
C GLY A 428 -24.13 1.18 -5.24
N CYS A 429 -22.86 0.77 -4.97
CA CYS A 429 -22.49 -0.50 -4.31
C CYS A 429 -21.51 -0.28 -3.15
N VAL A 430 -21.77 -0.99 -2.06
CA VAL A 430 -20.89 -0.92 -0.91
C VAL A 430 -20.20 -2.27 -0.74
N ILE A 431 -18.88 -2.24 -0.79
CA ILE A 431 -18.07 -3.43 -0.71
C ILE A 431 -17.21 -3.40 0.53
N ALA A 432 -17.18 -4.49 1.29
CA ALA A 432 -16.35 -4.44 2.49
C ALA A 432 -15.71 -5.76 2.86
N TRP A 433 -14.54 -5.66 3.48
CA TRP A 433 -13.85 -6.85 3.89
C TRP A 433 -13.02 -6.68 5.15
N ASN A 434 -12.73 -7.81 5.79
CA ASN A 434 -11.97 -7.89 7.02
C ASN A 434 -10.49 -7.65 6.77
N SER A 435 -9.93 -6.62 7.38
CA SER A 435 -8.54 -6.25 7.18
C SER A 435 -7.73 -6.43 8.44
N ASN A 436 -8.20 -7.26 9.34
CA ASN A 436 -7.52 -7.45 10.62
C ASN A 436 -6.04 -7.79 10.44
N LYS A 437 -5.70 -8.57 9.43
CA LYS A 437 -4.32 -8.94 9.18
C LYS A 437 -3.44 -7.79 8.68
N LEU A 438 -4.05 -6.72 8.18
CA LEU A 438 -3.27 -5.61 7.64
C LEU A 438 -3.24 -4.41 8.56
N ASP A 439 -4.35 -4.13 9.21
CA ASP A 439 -4.50 -2.95 10.04
C ASP A 439 -4.29 -3.14 11.54
N SER A 440 -4.54 -4.32 12.10
CA SER A 440 -4.44 -4.44 13.54
C SER A 440 -3.01 -4.65 14.01
N LYS A 441 -2.67 -4.15 15.21
CA LYS A 441 -1.34 -4.35 15.79
C LYS A 441 -1.47 -4.96 17.15
N VAL A 442 -0.45 -5.63 17.63
CA VAL A 442 -0.58 -6.24 18.95
C VAL A 442 -0.74 -5.21 20.05
N SER A 443 0.06 -4.15 20.01
CA SER A 443 -0.03 -3.10 21.01
C SER A 443 -1.27 -2.23 20.79
N GLY A 444 -1.80 -2.34 19.59
CA GLY A 444 -2.96 -1.65 19.07
C GLY A 444 -2.61 -0.60 18.02
N ASN A 445 -3.39 -0.59 16.96
CA ASN A 445 -3.21 0.38 15.91
C ASN A 445 -4.11 1.55 16.25
N TYR A 446 -3.51 2.67 16.56
CA TYR A 446 -4.26 3.84 17.00
C TYR A 446 -4.25 4.93 15.96
N ASN A 447 -3.94 4.58 14.71
CA ASN A 447 -3.88 5.60 13.66
C ASN A 447 -5.20 5.82 12.98
N TYR A 448 -6.24 5.11 13.37
CA TYR A 448 -7.51 5.34 12.75
C TYR A 448 -8.42 6.11 13.67
N LEU A 449 -8.86 7.25 13.17
CA LEU A 449 -9.72 8.16 13.89
C LEU A 449 -11.10 8.28 13.28
N TYR A 450 -12.07 8.67 14.12
CA TYR A 450 -13.43 8.96 13.68
C TYR A 450 -14.03 10.11 14.50
N ARG A 451 -15.05 10.74 13.94
CA ARG A 451 -15.77 11.79 14.64
C ARG A 451 -16.83 11.20 15.52
N LEU A 452 -16.85 11.63 16.77
CA LEU A 452 -17.84 11.20 17.73
C LEU A 452 -18.90 12.26 18.01
N PHE A 453 -18.53 13.53 17.82
CA PHE A 453 -19.45 14.59 18.18
C PHE A 453 -19.59 15.61 17.07
N ARG A 454 -20.78 16.21 16.96
CA ARG A 454 -21.01 17.28 16.01
C ARG A 454 -22.17 18.12 16.51
N LYS A 455 -22.29 19.36 16.05
CA LYS A 455 -23.41 20.20 16.46
C LYS A 455 -24.72 19.80 15.80
N SER A 456 -24.62 19.06 14.73
CA SER A 456 -25.74 18.62 13.92
C SER A 456 -25.32 17.37 13.14
N ASN A 457 -26.27 16.69 12.51
CA ASN A 457 -25.87 15.52 11.74
C ASN A 457 -25.21 15.95 10.44
N LEU A 458 -24.33 15.10 9.95
CA LEU A 458 -23.60 15.27 8.71
C LEU A 458 -24.50 15.05 7.50
N LYS A 459 -24.32 15.83 6.44
CA LYS A 459 -25.11 15.62 5.24
C LYS A 459 -24.42 14.56 4.36
N PRO A 460 -25.11 13.93 3.41
CA PRO A 460 -24.53 12.95 2.51
C PRO A 460 -23.31 13.48 1.82
N PHE A 461 -22.26 12.67 1.84
CA PHE A 461 -20.95 12.93 1.26
C PHE A 461 -20.23 14.18 1.77
N GLU A 462 -20.69 14.75 2.86
CA GLU A 462 -20.05 15.94 3.42
C GLU A 462 -18.79 15.57 4.18
N ARG A 463 -17.75 16.38 4.08
CA ARG A 463 -16.56 16.11 4.89
C ARG A 463 -16.26 17.27 5.80
N ASP A 464 -15.91 16.96 7.05
CA ASP A 464 -15.55 17.96 8.04
C ASP A 464 -14.46 17.40 8.89
N ILE A 465 -13.28 17.96 8.74
CA ILE A 465 -12.10 17.42 9.34
C ILE A 465 -11.53 18.32 10.44
N SER A 466 -12.30 19.33 10.85
CA SER A 466 -11.83 20.28 11.87
C SER A 466 -11.98 19.77 13.31
N THR A 467 -11.29 20.42 14.25
CA THR A 467 -11.42 20.08 15.67
C THR A 467 -11.99 21.23 16.47
N GLU A 468 -13.07 20.95 17.21
CA GLU A 468 -13.78 21.95 18.00
C GLU A 468 -13.81 21.82 19.54
N ILE A 469 -12.99 20.97 20.16
CA ILE A 469 -13.06 20.74 21.62
C ILE A 469 -14.48 20.82 22.13
N TYR A 470 -15.32 20.04 21.46
CA TYR A 470 -16.75 19.97 21.58
C TYR A 470 -17.32 19.82 22.98
N GLN A 471 -16.68 19.02 23.82
CA GLN A 471 -17.27 18.65 25.11
C GLN A 471 -17.22 19.70 26.21
N ALA A 472 -17.97 20.76 25.98
CA ALA A 472 -18.16 21.87 26.89
C ALA A 472 -18.89 21.43 28.12
N GLY A 473 -19.76 20.46 27.97
CA GLY A 473 -20.55 20.08 29.12
C GLY A 473 -21.37 21.31 29.43
N ASN A 474 -21.33 21.78 30.66
CA ASN A 474 -22.11 22.94 31.00
C ASN A 474 -21.34 24.25 30.91
N LYS A 475 -20.15 24.22 30.32
CA LYS A 475 -19.37 25.44 30.20
C LYS A 475 -18.58 25.50 28.90
N PRO A 476 -18.81 26.49 28.04
CA PRO A 476 -18.11 26.63 26.78
C PRO A 476 -16.64 26.59 27.07
N CYS A 477 -15.88 25.88 26.28
CA CYS A 477 -14.48 25.79 26.56
C CYS A 477 -13.60 26.41 25.51
N ASN A 478 -12.51 26.99 25.99
CA ASN A 478 -11.43 27.49 25.16
C ASN A 478 -10.16 26.77 25.58
N GLY A 479 -10.37 25.69 26.30
CA GLY A 479 -9.36 24.81 26.85
C GLY A 479 -9.53 23.47 26.20
N VAL A 480 -9.84 22.45 26.98
CA VAL A 480 -10.06 21.15 26.40
C VAL A 480 -11.46 20.61 26.61
N ALA A 481 -11.88 20.49 27.86
CA ALA A 481 -13.20 19.91 28.14
C ALA A 481 -13.68 20.27 29.56
N GLY A 482 -15.02 20.20 29.77
CA GLY A 482 -15.68 20.39 31.06
C GLY A 482 -15.93 19.04 31.73
N PRO A 488 -13.91 17.00 20.43
CA PRO A 488 -12.86 16.67 19.48
C PRO A 488 -13.14 15.28 18.83
N LEU A 489 -12.09 14.64 18.26
CA LEU A 489 -12.11 13.31 17.62
C LEU A 489 -11.64 12.23 18.56
N ARG A 490 -12.02 10.98 18.26
CA ARG A 490 -11.58 9.85 19.06
C ARG A 490 -10.98 8.77 18.21
N SER A 491 -10.15 7.96 18.83
CA SER A 491 -9.52 6.86 18.15
C SER A 491 -10.18 5.52 18.31
N TYR A 492 -9.88 4.66 17.36
CA TYR A 492 -10.23 3.26 17.39
C TYR A 492 -9.08 2.55 18.00
N SER A 493 -9.31 1.38 18.54
CA SER A 493 -8.20 0.57 19.01
C SER A 493 -8.26 -0.73 18.25
N PHE A 494 -7.34 -0.95 17.33
CA PHE A 494 -7.42 -2.18 16.57
C PHE A 494 -6.31 -3.16 16.95
N ARG A 495 -6.72 -4.30 17.50
CA ARG A 495 -5.81 -5.33 17.97
C ARG A 495 -6.32 -6.64 17.39
N PRO A 496 -5.46 -7.57 16.94
CA PRO A 496 -5.82 -8.82 16.31
C PRO A 496 -6.74 -9.72 17.10
N THR A 497 -6.77 -9.55 18.42
CA THR A 497 -7.56 -10.37 19.30
C THR A 497 -8.83 -9.76 19.86
N TYR A 498 -9.26 -8.56 19.43
CA TYR A 498 -10.50 -8.05 20.04
C TYR A 498 -11.75 -8.68 19.46
N GLY A 499 -11.95 -9.95 19.69
CA GLY A 499 -13.12 -10.66 19.18
C GLY A 499 -13.21 -10.53 17.67
N VAL A 500 -14.42 -10.22 17.18
CA VAL A 500 -14.70 -10.03 15.75
C VAL A 500 -15.24 -8.65 15.41
N GLY A 501 -16.21 -8.17 16.17
CA GLY A 501 -16.89 -6.91 15.87
C GLY A 501 -15.96 -5.73 16.02
N HIS A 502 -14.84 -5.94 16.67
CA HIS A 502 -13.92 -4.87 16.85
C HIS A 502 -12.77 -4.97 15.87
N GLN A 503 -12.80 -5.92 14.96
CA GLN A 503 -11.73 -6.00 14.02
C GLN A 503 -12.02 -4.90 13.02
N PRO A 504 -11.02 -4.28 12.40
CA PRO A 504 -11.19 -3.28 11.37
C PRO A 504 -11.66 -3.88 10.05
N TYR A 505 -12.45 -3.11 9.34
CA TYR A 505 -12.89 -3.42 7.99
C TYR A 505 -12.62 -2.30 7.01
N ARG A 506 -12.22 -2.69 5.82
CA ARG A 506 -11.99 -1.76 4.75
C ARG A 506 -13.22 -1.67 3.92
N VAL A 507 -13.68 -0.45 3.73
CA VAL A 507 -14.90 -0.24 3.02
C VAL A 507 -14.72 0.65 1.82
N VAL A 508 -15.23 0.20 0.70
CA VAL A 508 -15.19 1.01 -0.49
C VAL A 508 -16.59 1.21 -1.01
N VAL A 509 -16.95 2.45 -1.23
CA VAL A 509 -18.27 2.72 -1.75
C VAL A 509 -18.18 3.26 -3.15
N LEU A 510 -18.83 2.58 -4.07
CA LEU A 510 -18.84 3.04 -5.44
C LEU A 510 -20.16 3.72 -5.69
N SER A 511 -20.11 5.04 -5.78
CA SER A 511 -21.27 5.87 -5.96
C SER A 511 -21.45 6.11 -7.43
N PHE A 512 -22.65 5.85 -7.93
CA PHE A 512 -22.87 5.96 -9.34
C PHE A 512 -23.66 7.17 -9.77
N GLU A 513 -23.14 7.86 -10.76
CA GLU A 513 -23.82 9.00 -11.37
C GLU A 513 -24.36 8.47 -12.68
N LEU A 514 -25.66 8.19 -12.73
CA LEU A 514 -26.23 7.55 -13.91
C LEU A 514 -27.12 8.40 -14.79
N LEU A 515 -26.74 8.51 -16.06
CA LEU A 515 -27.45 9.22 -17.13
C LEU A 515 -27.84 10.65 -16.85
N HIS A 516 -26.91 11.42 -16.29
CA HIS A 516 -27.16 12.84 -16.04
C HIS A 516 -26.56 13.64 -17.19
N ALA A 517 -25.84 12.91 -17.99
CA ALA A 517 -25.12 13.33 -19.14
C ALA A 517 -24.83 12.00 -19.81
N PRO A 518 -24.51 11.95 -21.08
CA PRO A 518 -24.25 10.71 -21.75
C PRO A 518 -23.24 9.93 -20.97
N ALA A 519 -23.50 8.64 -20.83
CA ALA A 519 -22.66 7.76 -20.05
C ALA A 519 -21.29 7.60 -20.64
N THR A 520 -20.29 7.46 -19.76
CA THR A 520 -18.91 7.27 -20.14
C THR A 520 -18.29 5.94 -19.70
N VAL A 521 -18.76 5.35 -18.60
CA VAL A 521 -18.10 4.15 -18.07
C VAL A 521 -18.96 2.86 -18.04
N CYS A 522 -18.56 1.84 -18.84
CA CYS A 522 -19.17 0.51 -19.01
C CYS A 522 -18.23 -0.42 -19.72
N GLY A 523 -18.57 -1.71 -19.78
CA GLY A 523 -17.72 -2.69 -20.41
C GLY A 523 -18.22 -3.19 -21.77
N PRO A 524 -18.77 -4.42 -21.86
CA PRO A 524 -19.23 -5.10 -23.08
C PRO A 524 -20.19 -4.43 -24.10
N LYS A 525 -21.10 -3.51 -23.69
CA LYS A 525 -22.09 -2.80 -24.56
C LYS A 525 -21.57 -2.54 -25.99
N GLN B 1 1.81 -4.71 -10.35
CA GLN B 1 0.67 -4.09 -11.03
C GLN B 1 1.09 -2.74 -11.62
N VAL B 2 1.42 -1.74 -10.75
CA VAL B 2 1.87 -0.42 -11.17
C VAL B 2 3.31 -0.52 -11.58
N GLN B 3 3.62 -0.04 -12.77
CA GLN B 3 4.96 -0.13 -13.27
C GLN B 3 5.69 1.18 -13.10
N LEU B 4 6.98 1.08 -13.00
CA LEU B 4 7.84 2.24 -12.95
C LEU B 4 8.80 2.23 -14.12
N VAL B 5 9.11 3.41 -14.60
CA VAL B 5 10.06 3.61 -15.68
C VAL B 5 11.14 4.60 -15.27
N GLN B 6 12.40 4.25 -15.52
CA GLN B 6 13.54 5.11 -15.19
C GLN B 6 14.53 5.23 -16.34
N SER B 7 15.29 6.33 -16.41
CA SER B 7 16.35 6.38 -17.42
C SER B 7 17.31 5.24 -17.11
N GLY B 8 17.75 4.51 -18.13
CA GLY B 8 18.60 3.33 -17.90
C GLY B 8 19.94 3.56 -17.23
N SER B 9 20.58 4.67 -17.52
CA SER B 9 21.88 4.95 -16.93
C SER B 9 22.27 6.41 -17.01
N GLU B 10 23.31 6.75 -16.24
CA GLU B 10 23.93 8.08 -16.26
C GLU B 10 25.42 7.98 -16.02
N LEU B 11 26.17 8.88 -16.66
CA LEU B 11 27.62 8.96 -16.52
C LEU B 11 28.15 10.38 -16.53
N LYS B 12 28.87 10.76 -15.48
CA LYS B 12 29.43 12.11 -15.44
C LYS B 12 30.66 12.15 -14.52
N LYS B 13 31.49 13.19 -14.67
CA LYS B 13 32.73 13.35 -13.91
C LYS B 13 32.58 13.93 -12.49
N PRO B 14 33.54 13.64 -11.57
CA PRO B 14 33.56 14.11 -10.20
C PRO B 14 33.49 15.61 -10.14
N GLY B 15 32.72 16.10 -9.18
CA GLY B 15 32.55 17.52 -8.95
C GLY B 15 31.27 18.01 -9.59
N ALA B 16 30.74 17.22 -10.49
CA ALA B 16 29.51 17.56 -11.15
C ALA B 16 28.35 16.96 -10.39
N SER B 17 27.15 17.46 -10.70
CA SER B 17 25.93 16.92 -10.14
C SER B 17 25.06 16.24 -11.20
N VAL B 18 24.24 15.29 -10.77
CA VAL B 18 23.27 14.60 -11.65
C VAL B 18 21.88 14.49 -11.04
N THR B 19 20.89 14.25 -11.90
CA THR B 19 19.52 14.00 -11.44
C THR B 19 19.02 12.67 -12.02
N VAL B 20 18.41 11.82 -11.21
CA VAL B 20 17.90 10.54 -11.68
C VAL B 20 16.39 10.56 -11.80
N SER B 21 15.92 10.23 -13.01
CA SER B 21 14.51 10.19 -13.37
C SER B 21 13.77 8.93 -12.89
N CYS B 22 12.41 9.03 -12.78
CA CYS B 22 11.44 7.96 -12.50
C CYS B 22 10.02 8.50 -12.69
N LYS B 23 9.19 7.66 -13.25
CA LYS B 23 7.76 7.92 -13.33
C LYS B 23 6.94 6.67 -13.09
N ALA B 24 5.79 6.84 -12.45
CA ALA B 24 4.89 5.72 -12.22
C ALA B 24 3.62 5.86 -13.00
N SER B 25 3.05 4.74 -13.40
CA SER B 25 1.72 4.82 -13.98
C SER B 25 0.73 5.05 -12.83
N GLY B 26 -0.48 5.49 -13.16
CA GLY B 26 -1.52 5.68 -12.16
C GLY B 26 -2.44 6.84 -12.52
N TYR B 27 -3.57 6.94 -11.82
CA TYR B 27 -4.55 8.00 -12.11
C TYR B 27 -4.73 9.08 -11.06
N SER B 28 -4.79 8.73 -9.78
CA SER B 28 -5.03 9.74 -8.76
C SER B 28 -4.48 9.36 -7.39
N PHE B 29 -4.30 10.35 -6.53
CA PHE B 29 -3.83 10.11 -5.19
C PHE B 29 -4.15 11.29 -4.26
N PRO B 30 -4.35 11.06 -2.94
CA PRO B 30 -4.38 12.08 -1.90
C PRO B 30 -3.01 12.41 -1.30
N THR B 31 -2.04 11.54 -1.53
CA THR B 31 -0.73 11.66 -0.88
C THR B 31 0.33 10.88 -1.62
N HIS B 32 1.50 10.74 -1.01
CA HIS B 32 2.60 10.00 -1.62
C HIS B 32 3.35 9.07 -0.67
N ALA B 33 3.76 7.94 -1.21
CA ALA B 33 4.64 6.98 -0.56
C ALA B 33 5.59 6.45 -1.62
N MET B 34 6.86 6.44 -1.32
CA MET B 34 7.89 6.02 -2.25
C MET B 34 9.19 5.90 -1.53
N ASN B 35 10.12 5.15 -2.11
CA ASN B 35 11.47 5.13 -1.58
C ASN B 35 12.55 5.04 -2.64
N TRP B 36 13.67 5.72 -2.37
CA TRP B 36 14.88 5.54 -3.15
C TRP B 36 15.76 4.57 -2.40
N VAL B 37 16.16 3.50 -3.08
CA VAL B 37 16.99 2.44 -2.51
C VAL B 37 18.27 2.20 -3.35
N ARG B 38 19.41 2.06 -2.70
CA ARG B 38 20.67 1.85 -3.45
C ARG B 38 21.32 0.49 -3.29
N GLN B 39 21.80 -0.05 -4.40
CA GLN B 39 22.56 -1.28 -4.34
C GLN B 39 23.99 -1.06 -4.77
N ALA B 40 24.83 -1.04 -3.77
CA ALA B 40 26.24 -0.79 -3.96
C ALA B 40 26.81 -2.00 -4.71
N PRO B 41 27.90 -1.85 -5.46
CA PRO B 41 28.49 -2.89 -6.23
C PRO B 41 29.06 -4.03 -5.40
N GLY B 42 28.23 -5.07 -5.24
CA GLY B 42 28.56 -6.30 -4.53
C GLY B 42 27.98 -6.40 -3.12
N GLN B 43 27.12 -5.47 -2.75
CA GLN B 43 26.52 -5.47 -1.42
C GLN B 43 25.00 -5.64 -1.48
N GLY B 44 24.40 -5.66 -0.29
CA GLY B 44 22.95 -5.78 -0.17
C GLY B 44 22.39 -4.41 -0.43
N LEU B 45 21.17 -4.15 -0.03
CA LEU B 45 20.61 -2.88 -0.43
C LEU B 45 20.38 -1.96 0.74
N GLU B 46 20.64 -0.68 0.49
CA GLU B 46 20.52 0.36 1.49
C GLU B 46 19.44 1.38 1.16
N TRP B 47 18.78 1.85 2.17
CA TRP B 47 17.80 2.89 1.99
C TRP B 47 18.52 4.21 1.74
N MET B 48 18.12 4.99 0.71
CA MET B 48 18.75 6.31 0.50
C MET B 48 17.90 7.35 1.19
N GLY B 49 16.60 7.17 1.05
CA GLY B 49 15.60 8.04 1.66
C GLY B 49 14.19 7.82 1.11
N TRP B 50 13.24 8.28 1.90
CA TRP B 50 11.79 8.24 1.68
C TRP B 50 11.35 9.57 1.11
N ILE B 51 10.06 9.78 0.84
CA ILE B 51 9.59 11.06 0.31
C ILE B 51 10.50 12.12 0.93
N PRO B 52 11.18 12.94 0.11
CA PRO B 52 12.32 13.79 0.47
C PRO B 52 12.64 13.97 1.93
N THR B 53 13.49 13.05 2.37
CA THR B 53 14.11 12.94 3.68
C THR B 53 15.41 12.20 3.48
N TYR B 54 16.00 11.76 4.58
CA TYR B 54 17.26 11.04 4.49
C TYR B 54 17.19 9.72 5.23
N ALA B 55 17.94 8.74 4.76
CA ALA B 55 18.04 7.44 5.43
C ALA B 55 19.02 7.41 6.57
N GLY B 56 19.69 8.51 6.81
CA GLY B 56 20.71 8.64 7.84
C GLY B 56 21.95 9.18 7.19
N PHE B 57 22.03 9.00 5.88
CA PHE B 57 23.12 9.54 5.10
C PHE B 57 22.69 10.86 4.55
N THR B 58 23.48 11.90 4.76
CA THR B 58 23.15 13.21 4.27
C THR B 58 24.31 13.80 3.49
N GLY B 59 24.05 14.87 2.77
CA GLY B 59 25.10 15.56 2.04
C GLY B 59 25.01 15.35 0.54
N ARG B 60 25.77 14.40 0.02
CA ARG B 60 25.78 14.18 -1.43
C ARG B 60 24.42 13.82 -2.01
N PHE B 61 23.63 13.02 -1.30
CA PHE B 61 22.36 12.58 -1.84
C PHE B 61 21.19 13.29 -1.23
N VAL B 62 20.53 14.07 -2.05
CA VAL B 62 19.39 14.89 -1.67
C VAL B 62 18.32 14.65 -2.71
N PHE B 63 17.06 14.95 -2.43
CA PHE B 63 16.08 14.81 -3.50
C PHE B 63 14.82 15.60 -3.28
N SER B 64 14.07 15.81 -4.37
CA SER B 64 12.78 16.48 -4.28
C SER B 64 11.83 16.10 -5.41
N LEU B 65 10.80 15.32 -5.11
CA LEU B 65 9.87 14.86 -6.13
C LEU B 65 8.68 15.80 -6.28
N ASP B 66 8.02 15.80 -7.44
CA ASP B 66 6.85 16.65 -7.59
C ASP B 66 5.52 15.90 -7.45
N THR B 67 5.43 14.78 -8.14
CA THR B 67 4.17 14.04 -8.21
C THR B 67 4.37 12.56 -8.51
N SER B 68 3.34 11.93 -9.09
CA SER B 68 3.35 10.50 -9.44
C SER B 68 4.25 10.19 -10.65
N VAL B 69 4.52 11.22 -11.41
CA VAL B 69 5.37 11.28 -12.60
C VAL B 69 6.38 12.34 -12.29
N SER B 70 7.68 12.13 -12.56
CA SER B 70 8.65 13.14 -12.12
C SER B 70 8.41 13.14 -10.63
N THR B 71 8.54 11.90 -10.16
CA THR B 71 8.31 11.43 -8.82
C THR B 71 9.66 11.14 -8.24
N ALA B 72 10.63 11.40 -9.08
CA ALA B 72 11.98 11.05 -8.88
C ALA B 72 12.89 12.09 -8.28
N TYR B 73 13.64 12.77 -9.15
CA TYR B 73 14.59 13.76 -8.77
C TYR B 73 15.62 13.29 -7.78
N LEU B 74 16.21 12.12 -7.98
CA LEU B 74 17.22 11.81 -7.00
C LEU B 74 18.37 12.67 -7.41
N GLN B 75 18.91 13.48 -6.52
CA GLN B 75 20.00 14.31 -6.95
C GLN B 75 21.27 14.05 -6.20
N ILE B 76 22.34 14.07 -6.96
CA ILE B 76 23.63 13.88 -6.35
C ILE B 76 24.31 15.20 -6.51
N SER B 77 24.59 15.87 -5.39
CA SER B 77 25.14 17.22 -5.42
C SER B 77 26.59 17.22 -5.84
N SER B 78 27.20 16.05 -5.73
CA SER B 78 28.58 15.85 -6.08
C SER B 78 28.88 14.42 -6.41
N LEU B 79 29.55 14.23 -7.52
CA LEU B 79 30.00 12.92 -7.94
C LEU B 79 31.39 12.55 -7.44
N LYS B 80 31.96 13.33 -6.52
CA LYS B 80 33.29 12.98 -6.00
C LYS B 80 33.14 11.87 -4.96
N ALA B 81 32.85 10.69 -5.47
CA ALA B 81 32.54 9.53 -4.68
C ALA B 81 32.75 8.25 -5.45
N ASP B 82 32.76 7.16 -4.73
CA ASP B 82 32.86 5.83 -5.29
C ASP B 82 31.48 5.17 -5.37
N ASP B 83 30.44 5.98 -5.36
CA ASP B 83 29.06 5.51 -5.38
C ASP B 83 28.59 5.13 -6.77
N THR B 84 29.28 4.16 -7.38
CA THR B 84 28.97 3.66 -8.73
C THR B 84 27.97 2.53 -8.57
N ALA B 85 26.82 2.91 -8.07
CA ALA B 85 25.74 2.03 -7.67
C ALA B 85 24.54 2.03 -8.58
N VAL B 86 23.73 1.00 -8.40
CA VAL B 86 22.46 0.91 -9.06
C VAL B 86 21.42 1.51 -8.13
N TYR B 87 20.60 2.40 -8.66
CA TYR B 87 19.60 3.03 -7.84
C TYR B 87 18.24 2.49 -8.20
N TYR B 88 17.41 2.31 -7.19
CA TYR B 88 16.09 1.81 -7.45
C TYR B 88 14.99 2.75 -6.97
N CYS B 89 13.93 2.82 -7.78
CA CYS B 89 12.71 3.57 -7.55
C CYS B 89 11.68 2.54 -7.06
N ALA B 90 11.18 2.73 -5.84
CA ALA B 90 10.20 1.80 -5.28
C ALA B 90 8.82 2.41 -5.18
N ARG B 91 7.81 1.69 -5.65
CA ARG B 91 6.40 2.09 -5.58
C ARG B 91 5.80 1.64 -4.27
N GLY B 92 5.17 2.57 -3.53
CA GLY B 92 4.56 2.27 -2.21
C GLY B 92 3.03 2.36 -2.06
N HIS B 93 2.28 2.41 -3.16
CA HIS B 93 0.83 2.58 -3.03
C HIS B 93 -0.10 1.42 -3.30
N VAL B 94 0.32 0.41 -4.05
CA VAL B 94 -0.60 -0.68 -4.36
C VAL B 94 0.04 -1.99 -3.95
N LEU B 95 1.13 -2.32 -4.59
CA LEU B 95 1.93 -3.48 -4.27
C LEU B 95 3.33 -2.99 -4.40
N GLU B 96 4.19 -3.29 -3.45
CA GLU B 96 5.52 -2.78 -3.62
C GLU B 96 6.15 -3.30 -4.88
N TRP B 97 6.81 -2.41 -5.60
CA TRP B 97 7.42 -2.82 -6.85
C TRP B 97 8.66 -1.98 -7.19
N PHE B 98 9.69 -2.63 -7.73
CA PHE B 98 10.94 -1.93 -8.04
C PHE B 98 11.38 -1.90 -9.49
N GLN B 99 12.06 -0.81 -9.82
CA GLN B 99 12.72 -0.59 -11.11
C GLN B 99 14.06 0.04 -10.84
N GLY B 100 15.06 -0.13 -11.73
CA GLY B 100 16.33 0.54 -11.43
C GLY B 100 17.15 1.04 -12.60
N THR B 101 18.23 1.74 -12.23
CA THR B 101 19.15 2.42 -13.14
C THR B 101 20.61 2.41 -12.67
N LEU B 102 21.56 2.46 -13.60
CA LEU B 102 22.97 2.51 -13.18
C LEU B 102 23.65 3.86 -13.35
N VAL B 103 24.23 4.37 -12.27
CA VAL B 103 24.92 5.66 -12.36
C VAL B 103 26.40 5.48 -12.05
N THR B 104 27.25 5.91 -12.97
CA THR B 104 28.70 5.78 -12.79
C THR B 104 29.49 7.05 -13.06
N VAL B 105 30.75 6.99 -12.67
CA VAL B 105 31.72 8.06 -12.85
C VAL B 105 32.97 7.51 -13.51
N SER B 106 33.45 8.14 -14.57
CA SER B 106 34.67 7.67 -15.24
C SER B 106 35.95 8.27 -14.64
N SER B 107 37.10 7.63 -14.93
CA SER B 107 38.46 8.04 -14.54
C SER B 107 39.06 9.02 -15.54
N VAL C 2 21.53 -3.74 15.27
CA VAL C 2 20.78 -4.45 14.23
C VAL C 2 21.60 -5.67 13.76
N VAL C 3 20.95 -6.87 13.73
CA VAL C 3 21.56 -8.13 13.29
C VAL C 3 21.28 -8.48 11.83
N MET C 4 20.01 -8.64 11.44
CA MET C 4 19.63 -8.92 10.04
C MET C 4 20.54 -9.89 9.33
N THR C 5 20.64 -11.09 9.84
CA THR C 5 21.59 -12.02 9.26
C THR C 5 21.02 -13.31 8.73
N GLN C 6 21.32 -13.54 7.46
CA GLN C 6 20.89 -14.74 6.75
C GLN C 6 21.94 -15.80 6.95
N SER C 7 21.50 -16.91 7.49
CA SER C 7 22.38 -17.99 7.88
C SER C 7 23.03 -18.81 6.77
N PRO C 8 22.29 -19.46 5.83
CA PRO C 8 22.90 -20.31 4.84
C PRO C 8 23.63 -19.49 3.81
N LEU C 9 24.72 -20.05 3.30
CA LEU C 9 25.41 -19.42 2.20
C LEU C 9 24.63 -19.69 0.95
N SER C 10 24.22 -20.95 0.82
CA SER C 10 23.49 -21.37 -0.34
C SER C 10 22.67 -22.63 -0.10
N LEU C 11 21.74 -22.85 -1.02
CA LEU C 11 20.90 -24.06 -1.06
C LEU C 11 21.33 -25.09 -2.08
N SER C 12 20.81 -26.32 -1.90
CA SER C 12 21.04 -27.43 -2.81
C SER C 12 20.52 -27.12 -4.18
N VAL C 13 21.25 -27.61 -5.16
CA VAL C 13 20.93 -27.35 -6.54
C VAL C 13 19.99 -28.35 -7.20
N THR C 14 19.66 -29.45 -6.53
CA THR C 14 18.83 -30.45 -7.18
C THR C 14 17.43 -29.91 -7.58
N PRO C 15 17.01 -29.99 -8.86
CA PRO C 15 15.71 -29.59 -9.32
C PRO C 15 14.70 -30.45 -8.62
N GLY C 16 13.57 -29.90 -8.28
CA GLY C 16 12.55 -30.69 -7.65
C GLY C 16 12.76 -30.93 -6.16
N GLN C 17 13.82 -30.37 -5.58
CA GLN C 17 14.11 -30.59 -4.16
C GLN C 17 13.77 -29.40 -3.24
N PRO C 18 12.74 -29.50 -2.37
CA PRO C 18 12.30 -28.47 -1.45
C PRO C 18 13.47 -28.05 -0.57
N ALA C 19 13.53 -26.78 -0.23
CA ALA C 19 14.63 -26.25 0.56
C ALA C 19 14.22 -24.97 1.28
N SER C 20 14.96 -24.58 2.31
CA SER C 20 14.60 -23.34 3.01
C SER C 20 15.78 -22.55 3.53
N ILE C 21 15.53 -21.27 3.74
CA ILE C 21 16.51 -20.33 4.26
C ILE C 21 15.97 -19.58 5.46
N SER C 22 16.87 -19.03 6.25
CA SER C 22 16.38 -18.26 7.38
C SER C 22 17.29 -17.06 7.69
N CYS C 23 16.68 -16.07 8.39
CA CYS C 23 17.26 -14.79 8.81
C CYS C 23 17.00 -14.56 10.30
N LYS C 24 18.06 -14.26 11.03
CA LYS C 24 17.95 -14.03 12.46
C LYS C 24 18.00 -12.56 12.81
N SER C 25 17.40 -12.22 13.94
CA SER C 25 17.45 -10.83 14.37
C SER C 25 17.38 -10.64 15.89
N SER C 26 17.72 -9.43 16.35
CA SER C 26 17.58 -9.05 17.77
C SER C 26 16.43 -8.06 17.86
N GLN C 27 15.82 -7.90 16.69
CA GLN C 27 14.69 -7.08 16.36
C GLN C 27 13.65 -8.07 15.86
N THR C 28 12.86 -8.63 16.78
CA THR C 28 11.94 -9.71 16.42
C THR C 28 10.48 -9.30 16.43
N LEU C 29 10.19 -8.15 17.02
CA LEU C 29 8.82 -7.69 17.09
C LEU C 29 8.66 -6.47 16.21
N LEU C 30 7.95 -5.46 16.66
CA LEU C 30 7.64 -4.35 15.76
C LEU C 30 8.84 -3.52 15.35
N HIS C 31 8.81 -3.05 14.10
CA HIS C 31 9.81 -2.16 13.56
C HIS C 31 9.01 -1.01 12.95
N SER C 32 7.86 -1.39 12.38
CA SER C 32 6.94 -0.53 11.62
C SER C 32 6.06 0.43 12.38
N ASP C 33 5.44 1.34 11.62
CA ASP C 33 4.51 2.25 12.22
C ASP C 33 3.10 1.69 12.32
N GLY C 34 2.62 0.95 11.31
CA GLY C 34 1.24 0.50 11.41
C GLY C 34 1.00 -1.01 11.35
N GLN C 35 2.05 -1.87 11.36
CA GLN C 35 1.75 -3.29 11.16
C GLN C 35 2.73 -4.30 11.74
N THR C 36 3.89 -4.41 11.10
CA THR C 36 4.80 -5.53 11.34
C THR C 36 6.28 -5.20 11.30
N SER C 37 7.10 -6.21 10.93
CA SER C 37 8.53 -6.06 10.85
C SER C 37 9.28 -7.03 9.93
N PHE C 38 8.67 -7.70 8.93
CA PHE C 38 9.57 -8.61 8.22
C PHE C 38 9.10 -9.03 6.81
N TYR C 39 10.01 -8.85 5.86
CA TYR C 39 9.80 -9.11 4.43
C TYR C 39 10.93 -9.82 3.75
N TRP C 40 10.61 -10.49 2.64
CA TRP C 40 11.66 -11.10 1.83
C TRP C 40 11.66 -10.52 0.41
N TYR C 41 12.84 -10.36 -0.16
CA TYR C 41 12.95 -9.92 -1.54
C TYR C 41 13.67 -10.89 -2.41
N LEU C 42 13.23 -10.97 -3.65
CA LEU C 42 13.93 -11.79 -4.61
C LEU C 42 14.52 -11.02 -5.72
N GLN C 43 15.82 -11.15 -5.85
CA GLN C 43 16.54 -10.51 -6.91
C GLN C 43 17.15 -11.50 -7.87
N LYS C 44 16.62 -11.54 -9.07
CA LYS C 44 17.15 -12.46 -10.06
C LYS C 44 18.35 -11.74 -10.63
N PRO C 45 19.38 -12.42 -11.15
CA PRO C 45 20.53 -11.75 -11.72
C PRO C 45 20.09 -10.81 -12.80
N GLY C 46 20.59 -9.58 -12.75
CA GLY C 46 20.28 -8.59 -13.78
C GLY C 46 18.93 -7.91 -13.60
N GLN C 47 18.21 -8.21 -12.51
CA GLN C 47 16.89 -7.64 -12.33
C GLN C 47 16.70 -6.91 -11.00
N SER C 48 15.73 -6.01 -10.97
CA SER C 48 15.35 -5.33 -9.74
C SER C 48 14.64 -6.38 -8.88
N PRO C 49 14.59 -6.22 -7.56
CA PRO C 49 13.91 -7.10 -6.63
C PRO C 49 12.38 -7.01 -6.61
N GLN C 50 11.71 -8.11 -6.26
CA GLN C 50 10.26 -8.03 -6.01
C GLN C 50 9.97 -8.40 -4.56
N LEU C 51 8.71 -8.31 -4.13
CA LEU C 51 8.40 -8.54 -2.73
C LEU C 51 7.59 -9.80 -2.37
N LEU C 52 7.99 -10.44 -1.27
CA LEU C 52 7.28 -11.53 -0.64
C LEU C 52 6.99 -11.00 0.79
N ILE C 53 5.79 -11.26 1.36
CA ILE C 53 5.43 -10.62 2.65
C ILE C 53 5.16 -11.48 3.90
N TYR C 54 5.81 -11.18 5.03
CA TYR C 54 5.57 -11.93 6.27
C TYR C 54 5.14 -10.95 7.39
N ASP C 55 4.89 -11.48 8.60
CA ASP C 55 4.47 -10.71 9.79
C ASP C 55 5.02 -11.36 11.06
N ILE C 56 4.72 -10.81 12.23
CA ILE C 56 5.21 -11.36 13.48
C ILE C 56 4.38 -12.58 13.84
N SER C 57 3.04 -12.45 13.80
CA SER C 57 2.16 -13.58 14.01
C SER C 57 2.06 -14.25 12.65
N SER C 58 1.51 -15.44 12.55
CA SER C 58 1.50 -16.05 11.22
C SER C 58 0.74 -15.22 10.19
N ARG C 59 1.38 -15.03 9.04
CA ARG C 59 0.84 -14.28 7.92
C ARG C 59 1.66 -14.58 6.70
N PHE C 60 1.06 -14.69 5.54
CA PHE C 60 1.92 -14.75 4.37
C PHE C 60 1.20 -14.20 3.16
N SER C 61 1.88 -13.32 2.44
CA SER C 61 1.29 -12.77 1.24
C SER C 61 2.27 -12.51 0.11
N GLY C 62 1.74 -11.92 -0.94
CA GLY C 62 2.51 -11.61 -2.14
C GLY C 62 1.74 -12.09 -3.36
N VAL C 63 2.36 -12.00 -4.52
CA VAL C 63 1.75 -12.44 -5.75
C VAL C 63 1.83 -13.96 -6.01
N PRO C 64 3.01 -14.65 -5.94
CA PRO C 64 3.11 -16.08 -6.18
C PRO C 64 2.51 -16.83 -4.99
N ASP C 65 1.95 -18.02 -5.24
CA ASP C 65 1.40 -18.86 -4.17
C ASP C 65 2.14 -20.20 -3.91
N ARG C 66 3.36 -20.31 -4.40
CA ARG C 66 4.18 -21.52 -4.22
C ARG C 66 4.99 -21.50 -2.93
N PHE C 67 5.43 -20.31 -2.57
CA PHE C 67 6.30 -20.00 -1.45
C PHE C 67 5.54 -19.97 -0.15
N SER C 68 6.23 -20.26 0.95
CA SER C 68 5.60 -20.15 2.26
C SER C 68 6.52 -19.54 3.33
N GLY C 69 6.03 -18.53 4.03
CA GLY C 69 6.80 -17.87 5.07
C GLY C 69 6.36 -18.37 6.44
N SER C 70 7.28 -18.41 7.38
CA SER C 70 7.04 -18.83 8.75
C SER C 70 8.15 -18.30 9.63
N GLY C 71 8.04 -18.51 10.93
CA GLY C 71 9.13 -18.12 11.83
C GLY C 71 8.75 -18.35 13.27
N SER C 72 9.78 -18.37 14.12
CA SER C 72 9.61 -18.57 15.55
C SER C 72 10.84 -18.13 16.30
N GLY C 73 10.72 -17.92 17.62
CA GLY C 73 11.92 -17.59 18.35
C GLY C 73 12.52 -16.31 17.82
N THR C 74 13.78 -16.40 17.44
CA THR C 74 14.58 -15.31 16.92
C THR C 74 14.86 -15.42 15.43
N ASP C 75 14.21 -16.37 14.76
CA ASP C 75 14.52 -16.66 13.38
C ASP C 75 13.32 -16.74 12.43
N PHE C 76 13.45 -16.04 11.33
CA PHE C 76 12.42 -15.95 10.30
C PHE C 76 12.79 -16.87 9.14
N THR C 77 11.82 -17.65 8.66
CA THR C 77 12.10 -18.66 7.61
C THR C 77 11.25 -18.56 6.34
N LEU C 78 11.92 -18.72 5.21
CA LEU C 78 11.25 -18.80 3.91
C LEU C 78 11.51 -20.15 3.29
N LYS C 79 10.47 -20.83 2.84
CA LYS C 79 10.69 -22.11 2.21
C LYS C 79 10.08 -22.20 0.83
N ILE C 80 10.75 -23.00 0.00
CA ILE C 80 10.32 -23.29 -1.36
C ILE C 80 10.00 -24.76 -1.45
N SER C 81 8.82 -25.07 -1.97
CA SER C 81 8.34 -26.43 -2.11
C SER C 81 8.76 -27.04 -3.44
N ARG C 82 8.00 -26.79 -4.48
CA ARG C 82 8.42 -27.31 -5.77
C ARG C 82 9.49 -26.41 -6.32
N VAL C 83 10.57 -27.02 -6.77
CA VAL C 83 11.66 -26.26 -7.31
C VAL C 83 11.78 -26.45 -8.81
N GLU C 84 11.40 -25.40 -9.54
CA GLU C 84 11.31 -25.40 -11.00
C GLU C 84 12.57 -24.93 -11.73
N ALA C 85 13.58 -24.59 -10.95
CA ALA C 85 14.87 -24.04 -11.40
C ALA C 85 14.74 -22.63 -11.92
N GLU C 86 13.58 -22.03 -11.70
CA GLU C 86 13.34 -20.63 -12.00
C GLU C 86 13.94 -19.78 -10.91
N ASP C 87 13.86 -20.26 -9.69
CA ASP C 87 14.24 -19.47 -8.53
C ASP C 87 15.71 -19.50 -8.29
N VAL C 88 16.40 -18.87 -9.20
CA VAL C 88 17.83 -18.78 -9.16
C VAL C 88 18.16 -17.34 -8.98
N GLY C 89 18.86 -17.05 -7.92
CA GLY C 89 19.16 -15.66 -7.59
C GLY C 89 19.38 -15.51 -6.11
N VAL C 90 19.22 -14.30 -5.63
CA VAL C 90 19.48 -14.06 -4.23
C VAL C 90 18.24 -13.62 -3.48
N TYR C 91 18.04 -14.26 -2.35
CA TYR C 91 16.93 -13.92 -1.51
C TYR C 91 17.43 -13.09 -0.34
N TYR C 92 16.72 -12.03 -0.02
CA TYR C 92 17.13 -11.14 1.07
C TYR C 92 16.03 -10.95 2.11
N CYS C 93 16.41 -10.70 3.39
CA CYS C 93 15.45 -10.29 4.45
C CYS C 93 15.49 -8.75 4.66
N MET C 94 14.32 -8.17 4.95
CA MET C 94 14.11 -6.73 5.19
C MET C 94 13.13 -6.45 6.36
N GLN C 95 13.31 -5.34 7.13
CA GLN C 95 12.34 -5.10 8.24
C GLN C 95 11.28 -3.98 8.22
N GLY C 96 11.15 -3.20 7.17
CA GLY C 96 10.15 -2.12 7.15
C GLY C 96 8.82 -2.64 6.67
N THR C 97 7.83 -1.77 6.53
CA THR C 97 6.45 -2.06 6.07
C THR C 97 5.96 -0.95 5.18
N GLN C 98 5.16 -0.05 5.80
CA GLN C 98 4.79 1.18 5.14
C GLN C 98 6.05 1.99 5.30
N PHE C 99 6.67 1.75 6.46
CA PHE C 99 7.89 2.30 6.98
C PHE C 99 9.10 1.75 6.21
N PRO C 100 10.11 2.57 5.90
CA PRO C 100 11.37 2.23 5.28
C PRO C 100 12.18 1.29 6.13
N TRP C 101 13.42 0.99 5.75
CA TRP C 101 14.08 -0.11 6.43
C TRP C 101 15.59 -0.27 6.47
N THR C 102 15.99 -1.19 7.35
CA THR C 102 17.32 -1.75 7.41
C THR C 102 17.25 -3.03 6.57
N PHE C 103 18.36 -3.75 6.39
CA PHE C 103 18.31 -4.87 5.43
C PHE C 103 19.38 -5.92 5.72
N GLY C 104 19.12 -7.18 5.33
CA GLY C 104 20.08 -8.26 5.50
C GLY C 104 21.09 -8.44 4.36
N GLN C 105 21.95 -9.43 4.51
CA GLN C 105 23.01 -9.71 3.53
C GLN C 105 22.66 -10.51 2.29
N GLY C 106 21.59 -11.30 2.31
CA GLY C 106 21.26 -12.13 1.16
C GLY C 106 21.83 -13.54 1.20
N THR C 107 21.10 -14.49 0.59
CA THR C 107 21.55 -15.88 0.50
C THR C 107 21.39 -16.37 -0.95
N LYS C 108 22.32 -17.20 -1.42
CA LYS C 108 22.28 -17.63 -2.81
C LYS C 108 21.55 -18.94 -3.07
N VAL C 109 20.63 -18.91 -4.00
CA VAL C 109 19.95 -20.12 -4.37
C VAL C 109 20.30 -20.41 -5.82
N GLU C 110 20.91 -21.56 -6.03
CA GLU C 110 21.36 -21.98 -7.34
C GLU C 110 20.70 -23.28 -7.61
N ILE C 111 20.19 -23.47 -8.81
CA ILE C 111 19.50 -24.70 -9.15
C ILE C 111 20.15 -25.24 -10.44
N LYS C 112 20.50 -26.55 -10.48
CA LYS C 112 21.18 -27.24 -11.61
C LYS C 112 20.38 -28.47 -12.10
#